data_4YY9
#
_entry.id   4YY9
#
_cell.length_a   113.898
_cell.length_b   113.898
_cell.length_c   163.842
_cell.angle_alpha   90.00
_cell.angle_beta   90.00
_cell.angle_gamma   120.00
#
_symmetry.space_group_name_H-M   'P 63'
#
loop_
_entity.id
_entity.type
_entity.pdbx_description
1 polymer HA1
2 polymer HA2
3 branched beta-D-mannopyranose-(1-4)-2-acetamido-2-deoxy-beta-D-glucopyranose-(1-4)-2-acetamido-2-deoxy-beta-D-glucopyranose
4 non-polymer 2-acetamido-2-deoxy-beta-D-glucopyranose
5 water water
#
loop_
_entity_poly.entity_id
_entity_poly.type
_entity_poly.pdbx_seq_one_letter_code
_entity_poly.pdbx_strand_id
1 'polypeptide(L)'
;DKICIGYHANNSTTQVDTLLEKNVTVTHSVELLENQKEKRFCKIMNKAPLDLKDCTIEGWILGNPKCDLLLGDQSWSYIV
ERPNAQNGICYPGVLNELEELKAFIGSGERVERFEMFPKSTWAGVDTSRGVTNACPSYTLDSSFYRNLVWLVKTDSATYP
VIKGTYNNTGTQPILYFWGVHHPLDTTVQDNLYGSGDKYVRMGTESMNFAKSPEIAARPAVNGQRSRIDYYWSVLRPGET
LNVESNGNLIAPWYAYKFVSTNKKGAVFKSDLPIENCDATCQTITGVLRTNKTFQNVSPLWIGECPKYVKSESLRLATGL
RNVPQ
;
A
2 'polypeptide(L)'
;GIFGAIAGFIEGGWTGMIDGWYGYHHENSQGSGYAADRESTQKAIDGITNKVNSIINKMNTQFEAVDHEFSNLERRIGNL
NKRMEDGFLDVWTYNAELLVLLENERTLDLHDANVKNLYEKVKSQLRDNANDLGNGCFEFWHKCDNECMESVKNGTYDYP
KY
;
B
#
loop_
_chem_comp.id
_chem_comp.type
_chem_comp.name
_chem_comp.formula
BMA D-saccharide, beta linking beta-D-mannopyranose 'C6 H12 O6'
NAG D-saccharide, beta linking 2-acetamido-2-deoxy-beta-D-glucopyranose 'C8 H15 N O6'
#
# COMPACT_ATOMS: atom_id res chain seq x y z
N ASP A 1 28.36 39.19 -41.23
CA ASP A 1 28.70 38.32 -40.11
C ASP A 1 27.72 38.53 -38.96
N LYS A 2 27.21 37.43 -38.41
CA LYS A 2 26.20 37.55 -37.38
C LYS A 2 26.21 36.41 -36.38
N ILE A 3 25.80 36.73 -35.15
CA ILE A 3 25.62 35.71 -34.12
C ILE A 3 24.22 35.90 -33.53
N CYS A 4 23.55 34.78 -33.30
CA CYS A 4 22.18 34.79 -32.80
C CYS A 4 22.09 34.05 -31.49
N ILE A 5 21.18 34.48 -30.64
CA ILE A 5 20.93 33.77 -29.39
C ILE A 5 19.59 33.05 -29.56
N GLY A 6 19.53 31.81 -29.10
CA GLY A 6 18.32 31.04 -29.28
C GLY A 6 18.22 29.87 -28.35
N TYR A 7 17.20 29.05 -28.57
CA TYR A 7 16.90 27.96 -27.66
C TYR A 7 16.46 26.70 -28.41
N HIS A 8 16.56 25.58 -27.70
CA HIS A 8 16.26 24.25 -28.22
C HIS A 8 14.79 24.02 -28.55
N ALA A 9 14.54 23.40 -29.70
CA ALA A 9 13.22 22.85 -30.03
C ALA A 9 13.45 21.41 -30.49
N ASN A 10 12.43 20.58 -30.43
CA ASN A 10 12.56 19.19 -30.87
C ASN A 10 11.22 18.65 -31.38
N ASN A 11 11.07 17.34 -31.43
CA ASN A 11 9.85 16.78 -32.04
C ASN A 11 8.81 16.34 -30.98
N SER A 12 9.01 16.77 -29.75
CA SER A 12 8.13 16.41 -28.65
C SER A 12 6.69 16.89 -28.85
N THR A 13 5.73 16.03 -28.51
CA THR A 13 4.31 16.41 -28.48
C THR A 13 3.76 16.25 -27.06
N THR A 14 4.65 15.90 -26.14
CA THR A 14 4.28 15.74 -24.74
C THR A 14 3.94 17.10 -24.10
N GLN A 15 2.81 17.15 -23.40
CA GLN A 15 2.29 18.40 -22.86
C GLN A 15 2.22 18.41 -21.35
N VAL A 16 2.30 19.60 -20.77
CA VAL A 16 2.09 19.80 -19.33
C VAL A 16 1.07 20.92 -19.12
N ASP A 17 0.53 20.98 -17.91
CA ASP A 17 -0.36 22.08 -17.54
C ASP A 17 0.36 23.00 -16.55
N THR A 18 0.06 24.29 -16.60
CA THR A 18 0.53 25.25 -15.62
C THR A 18 -0.65 26.04 -15.08
N LEU A 19 -0.41 26.85 -14.05
CA LEU A 19 -1.47 27.68 -13.48
C LEU A 19 -2.07 28.60 -14.54
N LEU A 20 -1.21 29.15 -15.40
CA LEU A 20 -1.63 30.11 -16.42
C LEU A 20 -2.15 29.51 -17.72
N GLU A 21 -1.86 28.23 -17.97
CA GLU A 21 -2.06 27.69 -19.32
C GLU A 21 -2.12 26.16 -19.34
N LYS A 22 -3.10 25.63 -20.05
CA LYS A 22 -3.23 24.19 -20.22
C LYS A 22 -2.60 23.71 -21.51
N ASN A 23 -2.16 22.45 -21.53
CA ASN A 23 -1.72 21.81 -22.77
C ASN A 23 -0.55 22.54 -23.44
N VAL A 24 0.52 22.72 -22.69
CA VAL A 24 1.74 23.35 -23.20
C VAL A 24 2.75 22.28 -23.60
N THR A 25 3.16 22.28 -24.86
CA THR A 25 4.14 21.29 -25.33
C THR A 25 5.53 21.71 -24.87
N VAL A 26 6.23 20.78 -24.22
CA VAL A 26 7.57 21.05 -23.71
C VAL A 26 8.60 20.07 -24.25
N THR A 27 9.84 20.52 -24.34
CA THR A 27 10.91 19.71 -24.95
C THR A 27 11.25 18.49 -24.11
N HIS A 28 11.24 18.65 -22.79
CA HIS A 28 11.50 17.55 -21.88
C HIS A 28 10.56 17.63 -20.69
N SER A 29 10.25 16.48 -20.13
CA SER A 29 9.36 16.40 -18.98
C SER A 29 9.45 15.02 -18.35
N VAL A 30 8.99 14.91 -17.11
CA VAL A 30 9.01 13.64 -16.42
C VAL A 30 7.65 13.42 -15.76
N GLU A 31 7.12 12.21 -15.92
CA GLU A 31 5.88 11.79 -15.30
C GLU A 31 6.15 11.18 -13.92
N LEU A 32 5.44 11.67 -12.92
CA LEU A 32 5.73 11.27 -11.53
C LEU A 32 4.76 10.23 -11.01
N LEU A 33 3.70 9.97 -11.78
CA LEU A 33 2.64 9.07 -11.33
C LEU A 33 2.60 7.76 -12.12
N GLU A 34 2.43 6.65 -11.41
CA GLU A 34 2.21 5.35 -12.03
C GLU A 34 0.75 4.92 -12.03
N ASN A 35 0.22 4.58 -13.20
CA ASN A 35 -1.14 4.07 -13.30
C ASN A 35 -1.20 2.61 -13.76
N GLN A 36 -0.10 1.91 -13.72
CA GLN A 36 0.04 0.58 -14.26
C GLN A 36 0.26 -0.47 -13.19
N LYS A 37 -0.47 -1.55 -13.25
CA LYS A 37 -0.38 -2.64 -12.27
C LYS A 37 -0.24 -3.99 -12.97
N GLU A 38 0.42 -4.94 -12.31
CA GLU A 38 0.34 -6.34 -12.72
C GLU A 38 -0.75 -7.01 -11.90
N LYS A 39 -1.82 -7.44 -12.56
CA LYS A 39 -3.00 -7.96 -11.86
C LYS A 39 -2.77 -9.36 -11.25
N ARG A 40 -1.95 -9.40 -10.21
CA ARG A 40 -1.61 -10.66 -9.53
C ARG A 40 -0.96 -10.41 -8.17
N PHE A 41 -0.83 -11.47 -7.38
CA PHE A 41 -0.13 -11.39 -6.10
C PHE A 41 1.23 -12.08 -6.20
N CYS A 42 2.24 -11.48 -5.59
CA CYS A 42 3.60 -11.99 -5.66
C CYS A 42 4.19 -12.09 -4.27
N LYS A 43 5.43 -12.57 -4.19
CA LYS A 43 6.15 -12.60 -2.93
C LYS A 43 6.60 -11.18 -2.54
N ILE A 44 6.69 -10.94 -1.24
CA ILE A 44 7.22 -9.69 -0.72
C ILE A 44 8.40 -10.03 0.18
N MET A 45 9.54 -9.40 -0.07
CA MET A 45 10.79 -9.74 0.62
C MET A 45 11.13 -11.21 0.38
N ASN A 46 10.79 -11.69 -0.82
CA ASN A 46 10.93 -13.09 -1.21
C ASN A 46 10.22 -14.07 -0.26
N LYS A 47 9.24 -13.58 0.50
CA LYS A 47 8.40 -14.45 1.32
C LYS A 47 7.00 -14.51 0.70
N ALA A 48 6.42 -15.71 0.66
CA ALA A 48 5.13 -15.93 -0.02
C ALA A 48 3.95 -15.49 0.83
N PRO A 49 2.84 -15.11 0.16
CA PRO A 49 1.60 -14.85 0.89
C PRO A 49 0.84 -16.13 1.23
N LEU A 50 -0.07 -16.06 2.20
CA LEU A 50 -0.91 -17.18 2.55
C LEU A 50 -2.27 -17.10 1.85
N ASP A 51 -2.52 -18.02 0.92
CA ASP A 51 -3.82 -18.11 0.26
C ASP A 51 -4.77 -18.93 1.11
N LEU A 52 -5.95 -18.41 1.38
CA LEU A 52 -6.90 -19.11 2.23
C LEU A 52 -7.75 -20.05 1.37
N LYS A 53 -7.78 -19.77 0.07
CA LYS A 53 -8.57 -20.55 -0.90
C LYS A 53 -10.00 -20.54 -0.37
N ASP A 54 -10.57 -21.73 -0.20
CA ASP A 54 -12.01 -21.86 0.04
C ASP A 54 -12.34 -21.73 1.52
N CYS A 55 -11.34 -21.37 2.32
CA CYS A 55 -11.55 -21.13 3.75
C CYS A 55 -11.54 -19.64 4.06
N THR A 56 -12.40 -19.22 4.97
CA THR A 56 -12.36 -17.85 5.51
C THR A 56 -11.36 -17.81 6.66
N ILE A 57 -11.07 -16.62 7.17
CA ILE A 57 -10.17 -16.47 8.30
C ILE A 57 -10.63 -17.28 9.51
N GLU A 58 -11.92 -17.23 9.81
CA GLU A 58 -12.46 -17.96 10.95
C GLU A 58 -12.33 -19.46 10.79
N GLY A 59 -12.67 -19.97 9.60
CA GLY A 59 -12.57 -21.39 9.33
C GLY A 59 -11.14 -21.90 9.44
N TRP A 60 -10.20 -21.11 8.92
CA TRP A 60 -8.79 -21.45 9.00
C TRP A 60 -8.34 -21.54 10.44
N ILE A 61 -8.63 -20.52 11.22
CA ILE A 61 -8.00 -20.38 12.52
C ILE A 61 -8.75 -21.17 13.59
N LEU A 62 -10.00 -21.53 13.32
CA LEU A 62 -10.77 -22.39 14.23
C LEU A 62 -10.49 -23.87 13.97
N GLY A 63 -10.05 -24.18 12.77
CA GLY A 63 -9.72 -25.55 12.41
C GLY A 63 -10.91 -26.29 11.82
N ASN A 64 -11.76 -25.55 11.11
CA ASN A 64 -12.82 -26.13 10.30
C ASN A 64 -12.29 -27.33 9.51
N PRO A 65 -12.91 -28.50 9.66
CA PRO A 65 -12.43 -29.78 9.12
C PRO A 65 -12.19 -29.75 7.61
N LYS A 66 -12.84 -28.83 6.90
CA LYS A 66 -12.64 -28.69 5.45
C LYS A 66 -11.49 -27.73 5.10
N CYS A 67 -10.73 -27.33 6.11
CA CYS A 67 -9.58 -26.45 5.92
C CYS A 67 -8.28 -27.14 6.30
N ASP A 68 -8.27 -28.47 6.23
CA ASP A 68 -7.11 -29.28 6.61
C ASP A 68 -5.88 -28.95 5.79
N LEU A 69 -6.09 -28.44 4.57
CA LEU A 69 -4.98 -28.00 3.72
C LEU A 69 -4.12 -26.95 4.40
N LEU A 70 -4.77 -26.08 5.17
CA LEU A 70 -4.11 -24.97 5.82
C LEU A 70 -3.56 -25.34 7.20
N LEU A 71 -4.12 -26.41 7.76
CA LEU A 71 -3.87 -26.80 9.14
C LEU A 71 -2.40 -26.94 9.49
N GLY A 72 -1.99 -26.33 10.60
CA GLY A 72 -0.62 -26.39 11.06
C GLY A 72 0.11 -25.06 11.09
N ASP A 73 1.43 -25.12 10.91
CA ASP A 73 2.27 -23.94 10.87
C ASP A 73 2.13 -23.18 9.55
N GLN A 74 2.11 -21.86 9.63
CA GLN A 74 2.12 -21.02 8.44
C GLN A 74 3.03 -19.81 8.61
N SER A 75 3.70 -19.43 7.53
CA SER A 75 4.43 -18.16 7.45
C SER A 75 3.91 -17.38 6.26
N TRP A 76 3.70 -16.08 6.44
CA TRP A 76 3.14 -15.27 5.36
C TRP A 76 3.67 -13.86 5.39
N SER A 77 3.80 -13.28 4.20
CA SER A 77 4.11 -11.87 4.04
C SER A 77 2.80 -11.06 4.11
N TYR A 78 1.72 -11.70 3.68
CA TYR A 78 0.36 -11.16 3.84
C TYR A 78 -0.64 -12.28 3.57
N ILE A 79 -1.90 -12.00 3.84
CA ILE A 79 -2.97 -12.97 3.71
C ILE A 79 -3.95 -12.58 2.61
N VAL A 80 -4.35 -13.55 1.80
CA VAL A 80 -5.37 -13.35 0.76
C VAL A 80 -6.61 -14.18 1.08
N GLU A 81 -7.73 -13.49 1.30
CA GLU A 81 -9.00 -14.17 1.55
C GLU A 81 -9.88 -14.04 0.31
N ARG A 82 -10.38 -15.17 -0.18
CA ARG A 82 -11.22 -15.17 -1.37
C ARG A 82 -12.65 -14.79 -1.02
N PRO A 83 -13.27 -13.93 -1.85
CA PRO A 83 -14.62 -13.41 -1.58
C PRO A 83 -15.69 -14.48 -1.42
N ASN A 84 -15.53 -15.61 -2.12
CA ASN A 84 -16.57 -16.63 -2.11
C ASN A 84 -16.22 -17.88 -1.29
N ALA A 85 -15.25 -17.74 -0.39
CA ALA A 85 -14.84 -18.85 0.48
C ALA A 85 -16.03 -19.32 1.32
N GLN A 86 -16.31 -20.62 1.29
CA GLN A 86 -17.52 -21.15 1.93
C GLN A 86 -17.25 -21.73 3.31
N ASN A 87 -15.98 -22.03 3.60
CA ASN A 87 -15.64 -22.74 4.82
C ASN A 87 -15.23 -21.85 5.98
N GLY A 88 -16.23 -21.37 6.73
CA GLY A 88 -15.97 -20.53 7.88
C GLY A 88 -16.44 -21.15 9.19
N ILE A 89 -17.36 -20.48 9.86
CA ILE A 89 -17.95 -21.05 11.07
C ILE A 89 -19.09 -21.97 10.66
N CYS A 90 -18.85 -23.27 10.76
CA CYS A 90 -19.79 -24.26 10.24
C CYS A 90 -20.95 -24.49 11.21
N TYR A 91 -20.65 -24.71 12.48
CA TYR A 91 -21.68 -24.76 13.52
C TYR A 91 -22.06 -23.32 13.92
N PRO A 92 -23.32 -22.94 13.69
CA PRO A 92 -23.79 -21.56 13.81
C PRO A 92 -23.44 -20.92 15.16
N GLY A 93 -23.14 -19.63 15.12
CA GLY A 93 -22.75 -18.89 16.30
C GLY A 93 -21.86 -17.70 15.96
N VAL A 94 -21.58 -16.88 16.96
CA VAL A 94 -20.80 -15.66 16.80
C VAL A 94 -19.38 -15.84 17.34
N LEU A 95 -18.39 -15.45 16.54
CA LEU A 95 -17.02 -15.32 17.03
C LEU A 95 -16.88 -13.93 17.66
N ASN A 96 -16.65 -13.89 18.96
CA ASN A 96 -16.65 -12.61 19.66
C ASN A 96 -15.37 -11.83 19.43
N GLU A 97 -15.54 -10.51 19.28
CA GLU A 97 -14.46 -9.62 18.94
C GLU A 97 -13.78 -10.13 17.67
N LEU A 98 -14.60 -10.45 16.68
CA LEU A 98 -14.12 -10.92 15.40
C LEU A 98 -13.21 -9.90 14.69
N GLU A 99 -13.60 -8.62 14.68
CA GLU A 99 -12.83 -7.61 13.96
C GLU A 99 -11.47 -7.38 14.63
N GLU A 100 -11.42 -7.45 15.95
CA GLU A 100 -10.16 -7.35 16.68
C GLU A 100 -9.25 -8.56 16.42
N LEU A 101 -9.86 -9.74 16.27
CA LEU A 101 -9.11 -10.94 15.94
C LEU A 101 -8.45 -10.82 14.57
N LYS A 102 -9.20 -10.32 13.59
CA LYS A 102 -8.66 -10.15 12.26
C LYS A 102 -7.50 -9.15 12.26
N ALA A 103 -7.64 -8.08 13.03
CA ALA A 103 -6.58 -7.09 13.15
C ALA A 103 -5.37 -7.71 13.82
N PHE A 104 -5.61 -8.52 14.84
CA PHE A 104 -4.52 -9.19 15.53
C PHE A 104 -3.75 -10.10 14.58
N ILE A 105 -4.48 -10.99 13.90
CA ILE A 105 -3.88 -11.94 12.98
C ILE A 105 -3.18 -11.22 11.85
N GLY A 106 -3.76 -10.12 11.39
CA GLY A 106 -3.13 -9.31 10.35
C GLY A 106 -1.78 -8.73 10.74
N SER A 107 -1.57 -8.50 12.05
CA SER A 107 -0.30 -7.96 12.54
C SER A 107 0.77 -9.04 12.69
N GLY A 108 0.47 -10.24 12.22
CA GLY A 108 1.35 -11.37 12.43
C GLY A 108 2.11 -11.82 11.20
N GLU A 109 2.97 -12.81 11.40
CA GLU A 109 3.95 -13.22 10.41
C GLU A 109 4.05 -14.75 10.31
N ARG A 110 3.71 -15.42 11.41
CA ARG A 110 3.88 -16.84 11.51
C ARG A 110 3.11 -17.41 12.71
N VAL A 111 2.46 -18.54 12.50
CA VAL A 111 1.85 -19.25 13.60
C VAL A 111 2.45 -20.66 13.68
N GLU A 112 2.59 -21.16 14.89
CA GLU A 112 2.96 -22.55 15.14
C GLU A 112 1.87 -23.28 15.91
N ARG A 113 1.17 -24.19 15.24
CA ARG A 113 0.17 -25.01 15.90
C ARG A 113 0.82 -26.04 16.83
N PHE A 114 0.28 -26.14 18.03
CA PHE A 114 0.74 -27.10 19.01
C PHE A 114 -0.46 -27.52 19.86
N GLU A 115 -0.37 -28.70 20.49
CA GLU A 115 -1.44 -29.18 21.36
C GLU A 115 -1.32 -28.51 22.74
N MET A 116 -2.37 -27.80 23.12
CA MET A 116 -2.35 -26.98 24.34
C MET A 116 -3.00 -27.70 25.51
N PHE A 117 -4.15 -28.32 25.26
CA PHE A 117 -4.79 -29.22 26.21
C PHE A 117 -5.12 -30.55 25.51
N PRO A 118 -4.33 -31.60 25.80
CA PRO A 118 -4.68 -32.95 25.33
C PRO A 118 -6.05 -33.36 25.87
N LYS A 119 -6.79 -34.21 25.16
CA LYS A 119 -8.15 -34.55 25.56
C LYS A 119 -8.19 -35.16 26.96
N SER A 120 -7.09 -35.81 27.35
CA SER A 120 -6.97 -36.43 28.68
C SER A 120 -6.86 -35.39 29.79
N THR A 121 -7.01 -34.12 29.45
CA THR A 121 -6.94 -33.05 30.42
C THR A 121 -8.20 -33.05 31.29
N TRP A 122 -9.30 -33.47 30.70
CA TRP A 122 -10.61 -33.28 31.32
C TRP A 122 -11.15 -34.58 31.93
N ALA A 123 -11.05 -34.67 33.26
CA ALA A 123 -11.36 -35.89 34.00
C ALA A 123 -12.86 -36.16 34.17
N GLY A 124 -13.30 -37.31 33.70
CA GLY A 124 -14.65 -37.77 33.95
C GLY A 124 -15.69 -37.34 32.93
N VAL A 125 -15.24 -37.04 31.72
CA VAL A 125 -16.13 -36.59 30.65
C VAL A 125 -15.76 -37.28 29.34
N ASP A 126 -16.68 -37.26 28.38
CA ASP A 126 -16.41 -37.87 27.08
C ASP A 126 -15.86 -36.84 26.09
N THR A 127 -14.75 -37.20 25.43
CA THR A 127 -14.10 -36.29 24.48
C THR A 127 -14.13 -36.85 23.06
N SER A 128 -14.89 -37.93 22.86
CA SER A 128 -14.82 -38.66 21.58
C SER A 128 -16.10 -38.57 20.75
N ARG A 129 -17.13 -37.95 21.30
CA ARG A 129 -18.44 -37.96 20.65
C ARG A 129 -18.89 -36.56 20.23
N GLY A 130 -18.02 -35.57 20.43
CA GLY A 130 -18.34 -34.19 20.10
C GLY A 130 -18.26 -33.87 18.61
N VAL A 131 -19.18 -34.43 17.83
CA VAL A 131 -19.23 -34.15 16.40
C VAL A 131 -20.61 -33.65 15.98
N THR A 132 -20.73 -33.24 14.73
CA THR A 132 -21.95 -32.62 14.25
C THR A 132 -22.01 -32.64 12.73
N ASN A 133 -23.21 -32.81 12.20
CA ASN A 133 -23.39 -32.85 10.76
C ASN A 133 -23.38 -31.45 10.15
N ALA A 134 -23.24 -30.44 11.01
CA ALA A 134 -23.06 -29.07 10.55
C ALA A 134 -21.59 -28.84 10.19
N CYS A 135 -20.73 -29.70 10.72
CA CYS A 135 -19.30 -29.63 10.41
C CYS A 135 -18.79 -30.90 9.72
N PRO A 136 -19.21 -31.13 8.47
CA PRO A 136 -18.61 -32.26 7.75
C PRO A 136 -17.15 -32.01 7.41
N SER A 137 -16.34 -33.06 7.37
CA SER A 137 -15.02 -32.95 6.77
C SER A 137 -15.17 -33.34 5.31
N TYR A 138 -14.08 -33.71 4.65
CA TYR A 138 -14.17 -34.14 3.26
C TYR A 138 -14.41 -35.65 3.19
N THR A 139 -14.32 -36.31 4.35
CA THR A 139 -14.57 -37.75 4.43
C THR A 139 -15.76 -38.05 5.35
N LEU A 140 -15.66 -37.69 6.62
CA LEU A 140 -16.77 -37.86 7.56
C LEU A 140 -17.84 -36.81 7.34
N ASP A 141 -19.10 -37.17 7.57
CA ASP A 141 -20.19 -36.21 7.40
C ASP A 141 -20.56 -35.53 8.71
N SER A 142 -19.97 -36.04 9.80
CA SER A 142 -20.10 -35.40 11.10
C SER A 142 -18.74 -35.33 11.79
N SER A 143 -18.15 -34.14 11.78
CA SER A 143 -16.86 -33.89 12.40
C SER A 143 -16.94 -32.66 13.29
N PHE A 144 -15.80 -32.05 13.56
CA PHE A 144 -15.74 -30.82 14.37
C PHE A 144 -14.40 -30.12 14.20
N TYR A 145 -14.32 -28.88 14.70
CA TYR A 145 -13.12 -28.06 14.60
C TYR A 145 -11.89 -28.76 15.16
N ARG A 146 -10.81 -28.73 14.41
CA ARG A 146 -9.57 -29.42 14.79
C ARG A 146 -8.89 -28.80 15.99
N ASN A 147 -9.29 -27.57 16.34
CA ASN A 147 -8.64 -26.84 17.43
C ASN A 147 -9.50 -26.77 18.68
N LEU A 148 -10.73 -27.27 18.59
CA LEU A 148 -11.61 -27.30 19.73
C LEU A 148 -12.10 -28.72 19.96
N VAL A 149 -12.61 -28.98 21.16
CA VAL A 149 -13.25 -30.26 21.44
C VAL A 149 -14.57 -30.07 22.20
N TRP A 150 -15.65 -30.56 21.59
CA TRP A 150 -16.98 -30.51 22.19
C TRP A 150 -17.14 -31.61 23.25
N LEU A 151 -17.02 -31.20 24.51
CA LEU A 151 -17.09 -32.13 25.62
C LEU A 151 -18.52 -32.43 25.96
N VAL A 152 -18.79 -33.72 26.01
CA VAL A 152 -20.08 -34.17 26.44
C VAL A 152 -19.87 -35.10 27.59
N LYS A 153 -20.95 -35.21 28.33
CA LYS A 153 -21.25 -36.21 29.32
C LYS A 153 -21.04 -37.68 28.99
N THR A 154 -20.48 -38.40 29.94
CA THR A 154 -20.34 -39.85 29.78
C THR A 154 -21.63 -40.62 30.04
N ASP A 155 -21.48 -41.94 30.18
CA ASP A 155 -22.56 -42.91 30.45
C ASP A 155 -23.91 -42.30 30.86
N SER A 156 -23.91 -41.61 32.01
CA SER A 156 -25.03 -40.83 32.55
C SER A 156 -24.77 -40.23 33.95
N ALA A 157 -23.64 -40.56 34.57
CA ALA A 157 -23.20 -39.92 35.83
C ALA A 157 -23.02 -38.39 35.68
N THR A 158 -23.24 -37.55 36.69
CA THR A 158 -23.45 -36.11 36.47
C THR A 158 -22.22 -35.26 36.06
N TYR A 159 -22.34 -34.24 35.17
CA TYR A 159 -21.19 -33.52 34.53
C TYR A 159 -20.36 -32.90 35.61
N PRO A 160 -19.23 -33.54 35.93
CA PRO A 160 -18.39 -33.11 37.05
C PRO A 160 -17.67 -31.83 36.71
N VAL A 161 -17.04 -31.26 37.73
CA VAL A 161 -16.19 -30.12 37.52
C VAL A 161 -14.91 -30.61 36.87
N ILE A 162 -14.60 -30.07 35.70
CA ILE A 162 -13.36 -30.39 35.00
C ILE A 162 -12.41 -29.21 35.07
N LYS A 163 -11.11 -29.47 34.98
CA LYS A 163 -10.12 -28.42 35.15
C LYS A 163 -8.89 -28.62 34.28
N GLY A 164 -8.37 -27.54 33.73
CA GLY A 164 -7.17 -27.56 32.90
C GLY A 164 -6.24 -26.40 33.19
N THR A 165 -4.95 -26.59 32.98
CA THR A 165 -3.98 -25.54 33.25
C THR A 165 -2.82 -25.55 32.24
N TYR A 166 -2.39 -24.37 31.82
CA TYR A 166 -1.24 -24.23 30.94
C TYR A 166 -0.40 -23.01 31.33
N ASN A 167 0.82 -23.22 31.82
CA ASN A 167 1.75 -22.11 32.01
C ASN A 167 2.54 -21.92 30.72
N ASN A 168 2.38 -20.74 30.10
CA ASN A 168 3.16 -20.39 28.93
C ASN A 168 4.59 -20.04 29.33
N THR A 169 5.48 -20.99 29.12
CA THR A 169 6.85 -20.88 29.58
C THR A 169 7.78 -20.49 28.43
N GLY A 170 7.20 -20.28 27.25
CA GLY A 170 7.96 -19.88 26.07
C GLY A 170 8.16 -18.38 25.93
N THR A 171 8.66 -17.96 24.77
CA THR A 171 8.95 -16.55 24.51
C THR A 171 7.88 -15.87 23.65
N GLN A 172 6.95 -16.65 23.12
CA GLN A 172 5.94 -16.12 22.21
C GLN A 172 4.54 -16.16 22.80
N PRO A 173 3.72 -15.14 22.49
CA PRO A 173 2.30 -15.16 22.89
C PRO A 173 1.55 -16.30 22.22
N ILE A 174 0.50 -16.79 22.88
CA ILE A 174 -0.28 -17.89 22.35
C ILE A 174 -1.72 -17.46 22.03
N LEU A 175 -2.13 -17.65 20.78
CA LEU A 175 -3.51 -17.42 20.36
C LEU A 175 -4.33 -18.70 20.52
N TYR A 176 -5.40 -18.64 21.30
CA TYR A 176 -6.21 -19.85 21.52
C TYR A 176 -7.70 -19.53 21.53
N PHE A 177 -8.50 -20.56 21.34
CA PHE A 177 -9.95 -20.44 21.20
C PHE A 177 -10.73 -21.36 22.14
N TRP A 178 -11.97 -20.99 22.42
CA TRP A 178 -12.86 -21.82 23.21
C TRP A 178 -14.29 -21.37 22.99
N GLY A 179 -15.24 -22.15 23.49
CA GLY A 179 -16.64 -21.81 23.29
C GLY A 179 -17.57 -22.16 24.42
N VAL A 180 -18.80 -21.66 24.31
CA VAL A 180 -19.86 -22.04 25.22
C VAL A 180 -21.05 -22.49 24.38
N HIS A 181 -21.56 -23.68 24.66
CA HIS A 181 -22.69 -24.20 23.89
C HIS A 181 -24.02 -23.69 24.45
N HIS A 182 -24.93 -23.33 23.56
CA HIS A 182 -26.28 -22.88 23.92
C HIS A 182 -27.32 -23.74 23.21
N PRO A 183 -27.78 -24.82 23.87
CA PRO A 183 -28.79 -25.69 23.26
C PRO A 183 -30.12 -24.98 23.00
N LEU A 184 -30.92 -25.51 22.09
CA LEU A 184 -32.20 -24.90 21.74
C LEU A 184 -33.27 -25.07 22.83
N ASP A 185 -33.28 -26.23 23.50
CA ASP A 185 -34.21 -26.44 24.62
C ASP A 185 -33.55 -27.14 25.81
N THR A 186 -34.32 -27.30 26.88
CA THR A 186 -33.81 -27.82 28.14
C THR A 186 -33.58 -29.34 28.15
N THR A 187 -34.14 -30.05 27.18
CA THR A 187 -33.96 -31.49 27.14
C THR A 187 -32.65 -31.84 26.41
N VAL A 188 -32.35 -31.10 25.35
CA VAL A 188 -31.05 -31.24 24.67
C VAL A 188 -29.94 -30.92 25.67
N GLN A 189 -30.16 -29.90 26.48
CA GLN A 189 -29.26 -29.54 27.57
C GLN A 189 -29.03 -30.71 28.50
N ASP A 190 -30.13 -31.33 28.92
CA ASP A 190 -30.07 -32.42 29.89
C ASP A 190 -29.42 -33.65 29.28
N ASN A 191 -29.74 -33.94 28.02
CA ASN A 191 -29.17 -35.08 27.31
C ASN A 191 -27.65 -35.00 27.14
N LEU A 192 -27.10 -33.79 27.20
CA LEU A 192 -25.67 -33.58 26.95
C LEU A 192 -24.86 -33.23 28.19
N TYR A 193 -25.44 -32.48 29.12
CA TYR A 193 -24.67 -31.99 30.27
C TYR A 193 -25.33 -32.30 31.60
N GLY A 194 -26.55 -32.82 31.55
CA GLY A 194 -27.29 -33.14 32.76
C GLY A 194 -27.96 -31.91 33.35
N SER A 195 -28.41 -32.04 34.60
CA SER A 195 -29.17 -30.98 35.25
C SER A 195 -28.29 -30.09 36.11
N GLY A 196 -28.83 -28.96 36.53
CA GLY A 196 -28.10 -28.01 37.34
C GLY A 196 -27.63 -26.79 36.58
N ASP A 197 -27.35 -25.73 37.32
CA ASP A 197 -26.80 -24.51 36.74
C ASP A 197 -25.38 -24.74 36.27
N LYS A 198 -25.15 -24.49 34.98
CA LYS A 198 -23.83 -24.73 34.38
C LYS A 198 -23.06 -23.43 34.16
N TYR A 199 -21.74 -23.54 34.15
CA TYR A 199 -20.88 -22.39 33.94
C TYR A 199 -19.62 -22.75 33.17
N VAL A 200 -19.03 -21.74 32.53
CA VAL A 200 -17.70 -21.86 31.95
C VAL A 200 -16.87 -20.68 32.43
N ARG A 201 -15.82 -20.97 33.18
CA ARG A 201 -15.00 -19.90 33.75
C ARG A 201 -13.54 -20.05 33.34
N MET A 202 -12.88 -18.92 33.13
CA MET A 202 -11.54 -18.91 32.56
C MET A 202 -10.77 -17.69 33.07
N GLY A 203 -9.49 -17.87 33.37
CA GLY A 203 -8.70 -16.79 33.93
C GLY A 203 -7.20 -16.90 33.76
N THR A 204 -6.56 -15.75 33.58
CA THR A 204 -5.11 -15.64 33.57
C THR A 204 -4.71 -14.58 34.58
N GLU A 205 -3.45 -14.15 34.53
CA GLU A 205 -2.97 -13.10 35.43
C GLU A 205 -3.64 -11.75 35.11
N SER A 206 -4.22 -11.64 33.92
CA SER A 206 -4.74 -10.36 33.45
C SER A 206 -6.12 -10.45 32.78
N MET A 207 -6.67 -11.66 32.67
CA MET A 207 -7.95 -11.86 32.00
C MET A 207 -8.91 -12.68 32.86
N ASN A 208 -10.19 -12.32 32.84
CA ASN A 208 -11.24 -13.10 33.49
C ASN A 208 -12.37 -13.41 32.51
N PHE A 209 -12.92 -14.61 32.60
CA PHE A 209 -14.04 -14.99 31.76
C PHE A 209 -15.02 -15.84 32.56
N ALA A 210 -16.31 -15.61 32.33
CA ALA A 210 -17.37 -16.34 33.01
C ALA A 210 -18.66 -16.22 32.22
N LYS A 211 -19.23 -17.36 31.84
CA LYS A 211 -20.50 -17.32 31.13
C LYS A 211 -21.34 -18.56 31.41
N SER A 212 -22.65 -18.41 31.25
CA SER A 212 -23.60 -19.50 31.44
C SER A 212 -24.35 -19.77 30.14
N PRO A 213 -24.81 -21.02 29.95
CA PRO A 213 -25.62 -21.30 28.76
C PRO A 213 -26.95 -20.53 28.78
N GLU A 214 -27.35 -20.05 27.60
CA GLU A 214 -28.57 -19.29 27.41
C GLU A 214 -29.49 -20.05 26.47
N ILE A 215 -30.32 -20.91 27.05
CA ILE A 215 -31.12 -21.86 26.30
C ILE A 215 -32.33 -21.21 25.61
N ALA A 216 -32.39 -21.36 24.29
CA ALA A 216 -33.44 -20.77 23.46
C ALA A 216 -33.30 -21.26 22.01
N ALA A 217 -34.43 -21.36 21.32
CA ALA A 217 -34.42 -21.80 19.93
C ALA A 217 -34.23 -20.61 18.98
N ARG A 218 -33.09 -20.59 18.28
CA ARG A 218 -32.83 -19.58 17.27
C ARG A 218 -33.18 -20.16 15.90
N PRO A 219 -33.41 -19.30 14.89
CA PRO A 219 -33.65 -19.77 13.53
C PRO A 219 -32.56 -20.74 13.06
N ALA A 220 -32.94 -21.73 12.27
CA ALA A 220 -32.00 -22.78 11.87
C ALA A 220 -30.94 -22.25 10.89
N VAL A 221 -29.68 -22.61 11.17
CA VAL A 221 -28.55 -22.30 10.31
C VAL A 221 -27.69 -23.54 10.18
N ASN A 222 -27.47 -23.99 8.95
CA ASN A 222 -26.80 -25.26 8.68
C ASN A 222 -27.43 -26.41 9.48
N GLY A 223 -28.76 -26.36 9.60
CA GLY A 223 -29.53 -27.38 10.28
C GLY A 223 -29.48 -27.37 11.80
N GLN A 224 -29.18 -26.22 12.41
CA GLN A 224 -29.09 -26.13 13.87
C GLN A 224 -29.85 -24.93 14.42
N ARG A 225 -30.61 -25.17 15.49
CA ARG A 225 -31.32 -24.11 16.20
C ARG A 225 -30.55 -23.76 17.47
N SER A 226 -29.52 -24.56 17.75
CA SER A 226 -28.60 -24.27 18.85
C SER A 226 -27.51 -23.30 18.36
N ARG A 227 -26.68 -22.84 19.29
CA ARG A 227 -25.62 -21.89 18.97
C ARG A 227 -24.37 -22.18 19.78
N ILE A 228 -23.23 -21.71 19.27
CA ILE A 228 -22.00 -21.67 20.05
C ILE A 228 -21.47 -20.24 20.14
N ASP A 229 -21.14 -19.81 21.35
CA ASP A 229 -20.41 -18.56 21.52
C ASP A 229 -18.92 -18.85 21.49
N TYR A 230 -18.28 -18.55 20.37
CA TYR A 230 -16.84 -18.71 20.22
C TYR A 230 -16.08 -17.53 20.82
N TYR A 231 -14.96 -17.82 21.47
CA TYR A 231 -14.12 -16.77 22.02
C TYR A 231 -12.66 -17.01 21.68
N TRP A 232 -11.86 -15.96 21.82
CA TRP A 232 -10.43 -16.06 21.58
C TRP A 232 -9.76 -15.15 22.57
N SER A 233 -8.49 -15.43 22.86
CA SER A 233 -7.68 -14.55 23.68
C SER A 233 -6.22 -14.80 23.34
N VAL A 234 -5.34 -14.09 24.02
CA VAL A 234 -3.91 -14.28 23.80
C VAL A 234 -3.22 -14.46 25.14
N LEU A 235 -2.53 -15.60 25.29
CA LEU A 235 -1.81 -15.91 26.52
C LEU A 235 -0.41 -15.37 26.36
N ARG A 236 -0.02 -14.44 27.22
CA ARG A 236 1.25 -13.78 27.07
C ARG A 236 2.36 -14.61 27.70
N PRO A 237 3.62 -14.40 27.26
CA PRO A 237 4.74 -15.12 27.87
C PRO A 237 4.80 -14.90 29.38
N GLY A 238 4.87 -15.99 30.14
CA GLY A 238 4.93 -15.92 31.59
C GLY A 238 3.57 -16.09 32.23
N GLU A 239 2.52 -15.89 31.44
CA GLU A 239 1.16 -16.01 31.94
C GLU A 239 0.73 -17.46 31.96
N THR A 240 -0.26 -17.75 32.78
CA THR A 240 -0.84 -19.09 32.91
C THR A 240 -2.35 -19.01 32.79
N LEU A 241 -2.93 -19.99 32.09
CA LEU A 241 -4.37 -20.06 31.93
C LEU A 241 -5.00 -21.19 32.76
N ASN A 242 -6.01 -20.86 33.56
CA ASN A 242 -6.82 -21.87 34.24
C ASN A 242 -8.22 -21.99 33.66
N VAL A 243 -8.63 -23.22 33.35
CA VAL A 243 -9.99 -23.49 32.88
C VAL A 243 -10.77 -24.30 33.92
N GLU A 244 -11.98 -23.85 34.22
CA GLU A 244 -12.87 -24.56 35.14
C GLU A 244 -14.27 -24.55 34.56
N SER A 245 -14.90 -25.73 34.48
CA SER A 245 -16.27 -25.83 33.97
C SER A 245 -16.97 -27.09 34.43
N ASN A 246 -18.30 -27.02 34.49
CA ASN A 246 -19.12 -28.17 34.83
C ASN A 246 -20.15 -28.47 33.74
N GLY A 247 -19.90 -27.99 32.53
CA GLY A 247 -20.77 -28.25 31.40
C GLY A 247 -20.79 -27.15 30.36
N ASN A 248 -21.25 -27.49 29.16
CA ASN A 248 -21.37 -26.57 28.01
C ASN A 248 -20.04 -26.01 27.47
N LEU A 249 -18.92 -26.60 27.87
CA LEU A 249 -17.63 -26.12 27.43
C LEU A 249 -17.17 -26.71 26.10
N ILE A 250 -16.97 -25.85 25.11
CA ILE A 250 -16.20 -26.22 23.92
C ILE A 250 -14.75 -25.89 24.26
N ALA A 251 -13.96 -26.92 24.52
CA ALA A 251 -12.65 -26.73 25.12
C ALA A 251 -11.57 -26.37 24.10
N PRO A 252 -10.56 -25.61 24.54
CA PRO A 252 -9.37 -25.40 23.70
C PRO A 252 -8.54 -26.67 23.62
N TRP A 253 -8.30 -27.15 22.41
CA TRP A 253 -7.53 -28.37 22.18
C TRP A 253 -6.14 -27.97 21.67
N TYR A 254 -6.10 -27.48 20.42
CA TYR A 254 -4.87 -26.95 19.84
C TYR A 254 -4.86 -25.41 19.83
N ALA A 255 -3.67 -24.82 19.89
CA ALA A 255 -3.55 -23.35 19.85
C ALA A 255 -2.39 -22.93 18.94
N TYR A 256 -2.06 -21.64 18.95
CA TYR A 256 -1.03 -21.13 18.05
C TYR A 256 0.00 -20.26 18.75
N LYS A 257 1.27 -20.64 18.65
CA LYS A 257 2.34 -19.75 19.06
C LYS A 257 2.47 -18.70 17.97
N PHE A 258 2.41 -17.44 18.38
CA PHE A 258 2.19 -16.34 17.45
C PHE A 258 3.43 -15.44 17.35
N VAL A 259 3.91 -15.21 16.14
CA VAL A 259 5.03 -14.28 15.93
C VAL A 259 4.52 -12.98 15.32
N SER A 260 4.61 -11.90 16.08
CA SER A 260 4.17 -10.59 15.62
C SER A 260 5.14 -9.99 14.61
N THR A 261 4.61 -9.25 13.64
CA THR A 261 5.43 -8.71 12.58
C THR A 261 6.08 -7.37 12.94
N ASN A 262 7.28 -7.15 12.41
CA ASN A 262 7.98 -5.89 12.55
C ASN A 262 7.46 -4.90 11.50
N LYS A 263 7.02 -5.44 10.38
CA LYS A 263 6.49 -4.65 9.27
C LYS A 263 5.06 -4.19 9.54
N LYS A 264 4.25 -4.21 8.49
CA LYS A 264 2.91 -3.63 8.53
C LYS A 264 1.79 -4.66 8.70
N GLY A 265 1.70 -5.59 7.76
CA GLY A 265 0.65 -6.60 7.81
C GLY A 265 -0.57 -6.26 6.97
N ALA A 266 -0.98 -7.18 6.10
CA ALA A 266 -2.13 -6.95 5.26
C ALA A 266 -3.02 -8.19 5.15
N VAL A 267 -4.33 -7.95 5.03
CA VAL A 267 -5.30 -9.00 4.73
C VAL A 267 -6.08 -8.57 3.51
N PHE A 268 -5.73 -9.12 2.36
CA PHE A 268 -6.35 -8.71 1.10
C PHE A 268 -7.54 -9.58 0.76
N LYS A 269 -8.71 -8.97 0.64
CA LYS A 269 -9.88 -9.67 0.12
C LYS A 269 -9.91 -9.49 -1.38
N SER A 270 -9.53 -10.53 -2.11
CA SER A 270 -9.35 -10.44 -3.55
C SER A 270 -9.44 -11.81 -4.22
N ASP A 271 -9.73 -11.77 -5.51
CA ASP A 271 -9.83 -12.91 -6.42
C ASP A 271 -8.62 -13.09 -7.30
N LEU A 272 -7.67 -12.20 -7.15
CA LEU A 272 -6.52 -12.16 -8.05
C LEU A 272 -5.65 -13.40 -7.88
N PRO A 273 -5.04 -13.87 -8.98
CA PRO A 273 -4.17 -15.05 -8.92
C PRO A 273 -2.88 -14.78 -8.16
N ILE A 274 -2.44 -15.75 -7.36
CA ILE A 274 -1.13 -15.74 -6.75
C ILE A 274 -0.18 -16.50 -7.67
N GLU A 275 0.95 -15.87 -8.01
CA GLU A 275 1.85 -16.48 -8.98
C GLU A 275 3.26 -16.57 -8.44
N ASN A 276 4.16 -17.10 -9.26
CA ASN A 276 5.54 -17.28 -8.83
C ASN A 276 6.40 -16.13 -9.32
N CYS A 277 6.41 -15.06 -8.54
CA CYS A 277 7.14 -13.86 -8.90
C CYS A 277 7.56 -13.08 -7.66
N ASP A 278 8.45 -12.12 -7.83
CA ASP A 278 8.86 -11.26 -6.74
C ASP A 278 8.32 -9.85 -6.91
N ALA A 279 8.25 -9.12 -5.81
CA ALA A 279 7.82 -7.73 -5.84
C ALA A 279 8.32 -6.99 -4.60
N THR A 280 8.47 -5.69 -4.73
CA THR A 280 8.78 -4.86 -3.56
C THR A 280 7.53 -4.13 -3.12
N CYS A 281 6.58 -4.02 -4.04
CA CYS A 281 5.34 -3.27 -3.79
C CYS A 281 4.12 -4.04 -4.28
N GLN A 282 3.24 -4.40 -3.33
CA GLN A 282 2.04 -5.16 -3.66
C GLN A 282 0.78 -4.46 -3.15
N THR A 283 -0.08 -4.02 -4.06
CA THR A 283 -1.36 -3.43 -3.69
C THR A 283 -2.46 -4.48 -3.80
N ILE A 284 -3.64 -4.17 -3.27
CA ILE A 284 -4.73 -5.11 -3.26
C ILE A 284 -5.21 -5.43 -4.69
N THR A 285 -4.96 -4.53 -5.63
CA THR A 285 -5.43 -4.75 -6.99
C THR A 285 -4.29 -5.07 -7.97
N GLY A 286 -3.10 -5.35 -7.46
CA GLY A 286 -1.99 -5.69 -8.32
C GLY A 286 -0.62 -5.22 -7.86
N VAL A 287 0.40 -5.67 -8.58
CA VAL A 287 1.79 -5.31 -8.28
C VAL A 287 2.18 -4.03 -9.00
N LEU A 288 2.91 -3.15 -8.31
CA LEU A 288 3.52 -2.01 -8.96
C LEU A 288 5.02 -2.21 -9.13
N ARG A 289 5.50 -2.07 -10.35
CA ARG A 289 6.93 -2.08 -10.60
C ARG A 289 7.37 -0.72 -11.12
N THR A 290 7.75 0.17 -10.20
CA THR A 290 8.12 1.54 -10.54
C THR A 290 9.17 2.19 -9.67
N ASN A 291 9.72 3.27 -10.21
CA ASN A 291 10.57 4.19 -9.47
C ASN A 291 9.80 5.49 -9.18
N LYS A 292 8.58 5.57 -9.73
CA LYS A 292 7.78 6.78 -9.67
C LYS A 292 7.29 7.13 -8.27
N THR A 293 6.93 8.40 -8.08
CA THR A 293 6.68 8.94 -6.74
C THR A 293 5.23 8.77 -6.29
N PHE A 294 4.31 8.80 -7.24
CA PHE A 294 2.88 8.67 -6.97
C PHE A 294 2.28 7.50 -7.73
N GLN A 295 1.11 7.07 -7.30
CA GLN A 295 0.37 6.02 -8.00
C GLN A 295 -1.12 6.24 -7.76
N ASN A 296 -1.95 5.88 -8.73
CA ASN A 296 -3.40 5.98 -8.56
C ASN A 296 -4.09 4.63 -8.66
N VAL A 297 -3.34 3.57 -8.32
CA VAL A 297 -3.87 2.21 -8.36
C VAL A 297 -4.63 1.85 -7.09
N SER A 298 -4.03 2.02 -5.91
CA SER A 298 -4.67 1.67 -4.65
C SER A 298 -4.05 2.31 -3.41
N PRO A 299 -4.90 2.74 -2.46
CA PRO A 299 -4.46 3.20 -1.13
C PRO A 299 -4.05 2.03 -0.22
N LEU A 300 -4.40 0.82 -0.62
CA LEU A 300 -4.21 -0.39 0.17
C LEU A 300 -3.06 -1.25 -0.34
N TRP A 301 -1.99 -1.37 0.43
CA TRP A 301 -0.84 -2.13 -0.01
C TRP A 301 0.02 -2.64 1.13
N ILE A 302 0.96 -3.51 0.79
CA ILE A 302 2.00 -3.99 1.67
C ILE A 302 3.28 -3.75 0.86
N GLY A 303 4.42 -3.57 1.51
CA GLY A 303 5.66 -3.29 0.82
C GLY A 303 6.00 -1.82 0.73
N GLU A 304 6.96 -1.48 -0.13
CA GLU A 304 7.39 -0.10 -0.33
C GLU A 304 6.72 0.52 -1.55
N CYS A 305 5.63 1.24 -1.35
CA CYS A 305 4.82 1.73 -2.47
C CYS A 305 4.86 3.24 -2.62
N PRO A 306 4.57 3.73 -3.83
CA PRO A 306 4.48 5.19 -4.00
C PRO A 306 3.19 5.75 -3.38
N LYS A 307 3.20 7.05 -3.13
CA LYS A 307 2.08 7.75 -2.53
C LYS A 307 0.81 7.60 -3.38
N TYR A 308 -0.29 7.20 -2.75
CA TYR A 308 -1.54 7.10 -3.48
C TYR A 308 -2.21 8.47 -3.63
N VAL A 309 -2.76 8.68 -4.80
CA VAL A 309 -3.26 9.98 -5.22
C VAL A 309 -4.35 9.74 -6.27
N LYS A 310 -5.34 10.62 -6.34
CA LYS A 310 -6.48 10.39 -7.25
C LYS A 310 -6.24 10.90 -8.67
N SER A 311 -5.08 11.53 -8.90
CA SER A 311 -4.76 12.15 -10.18
C SER A 311 -4.54 11.17 -11.33
N GLU A 312 -4.96 11.54 -12.53
CA GLU A 312 -4.67 10.75 -13.73
C GLU A 312 -3.20 10.90 -14.13
N SER A 313 -2.65 12.07 -13.87
CA SER A 313 -1.33 12.42 -14.36
C SER A 313 -0.68 13.52 -13.51
N LEU A 314 0.62 13.42 -13.35
CA LEU A 314 1.39 14.44 -12.65
C LEU A 314 2.71 14.65 -13.40
N ARG A 315 2.62 15.26 -14.57
CA ARG A 315 3.77 15.46 -15.44
C ARG A 315 4.45 16.79 -15.13
N LEU A 316 5.71 16.68 -14.75
CA LEU A 316 6.53 17.84 -14.40
C LEU A 316 7.37 18.29 -15.60
N ALA A 317 7.31 19.56 -15.93
CA ALA A 317 8.19 20.11 -16.97
C ALA A 317 9.63 20.16 -16.47
N THR A 318 10.56 19.80 -17.35
CA THR A 318 11.97 19.96 -17.04
C THR A 318 12.61 20.82 -18.12
N GLY A 319 12.28 20.54 -19.37
CA GLY A 319 12.74 21.36 -20.47
C GLY A 319 11.83 22.57 -20.68
N LEU A 320 11.95 23.20 -21.83
CA LEU A 320 11.29 24.46 -22.05
C LEU A 320 10.14 24.34 -23.04
N ARG A 321 9.42 25.44 -23.24
CA ARG A 321 8.32 25.47 -24.21
C ARG A 321 8.79 25.07 -25.60
N ASN A 322 8.14 24.09 -26.21
CA ASN A 322 8.55 23.59 -27.51
C ASN A 322 7.96 24.43 -28.64
N VAL A 323 8.81 25.23 -29.27
CA VAL A 323 8.37 26.08 -30.38
C VAL A 323 9.19 25.77 -31.65
N PRO A 324 8.94 24.61 -32.30
CA PRO A 324 9.68 24.27 -33.52
C PRO A 324 9.24 25.11 -34.71
N GLN A 325 10.17 25.36 -35.62
CA GLN A 325 9.88 26.13 -36.83
C GLN A 325 10.67 25.60 -38.03
N GLY B 1 5.56 33.74 -21.51
CA GLY B 1 6.66 33.90 -20.57
C GLY B 1 6.80 35.34 -20.12
N ILE B 2 7.01 35.53 -18.82
CA ILE B 2 7.08 36.88 -18.27
C ILE B 2 8.38 37.61 -18.60
N PHE B 3 9.38 36.91 -19.14
CA PHE B 3 10.63 37.60 -19.45
C PHE B 3 10.71 38.00 -20.94
N GLY B 4 9.84 37.41 -21.76
CA GLY B 4 9.60 37.96 -23.07
C GLY B 4 10.48 37.46 -24.20
N ALA B 5 11.33 36.48 -23.90
CA ALA B 5 12.24 35.95 -24.90
C ALA B 5 11.67 34.71 -25.61
N ILE B 6 11.41 33.63 -24.86
CA ILE B 6 10.90 32.41 -25.48
C ILE B 6 9.49 32.60 -26.06
N ALA B 7 9.35 32.30 -27.35
CA ALA B 7 8.13 32.64 -28.11
C ALA B 7 7.75 34.09 -27.85
N GLY B 8 8.77 34.95 -27.88
CA GLY B 8 8.61 36.38 -27.71
C GLY B 8 9.44 37.05 -28.79
N PHE B 9 10.44 37.84 -28.39
CA PHE B 9 11.20 38.56 -29.39
C PHE B 9 12.15 37.60 -30.12
N ILE B 10 12.38 36.43 -29.53
CA ILE B 10 12.96 35.31 -30.26
C ILE B 10 11.80 34.35 -30.52
N GLU B 11 11.23 34.43 -31.73
CA GLU B 11 9.92 33.84 -32.01
C GLU B 11 9.84 32.32 -31.91
N GLY B 12 10.95 31.64 -32.22
CA GLY B 12 10.93 30.19 -32.26
C GLY B 12 12.19 29.53 -31.78
N GLY B 13 12.11 28.22 -31.56
CA GLY B 13 13.26 27.43 -31.18
C GLY B 13 14.04 26.92 -32.38
N TRP B 14 15.16 26.28 -32.07
CA TRP B 14 16.07 25.74 -33.06
C TRP B 14 16.13 24.21 -32.95
N THR B 15 15.46 23.50 -33.85
CA THR B 15 15.55 22.04 -33.86
C THR B 15 16.96 21.60 -34.24
N GLY B 16 17.73 22.53 -34.79
CA GLY B 16 19.09 22.24 -35.23
C GLY B 16 20.11 22.23 -34.11
N MET B 17 19.77 22.86 -33.00
CA MET B 17 20.66 22.86 -31.84
C MET B 17 20.24 21.73 -30.92
N ILE B 18 20.85 20.56 -31.12
CA ILE B 18 20.39 19.34 -30.49
C ILE B 18 21.15 19.04 -29.20
N ASP B 19 22.26 19.74 -29.00
CA ASP B 19 23.19 19.40 -27.92
C ASP B 19 22.99 20.24 -26.66
N GLY B 20 21.88 20.96 -26.54
CA GLY B 20 21.63 21.75 -25.35
C GLY B 20 20.36 22.59 -25.34
N TRP B 21 20.07 23.23 -24.22
CA TRP B 21 18.84 24.02 -24.07
C TRP B 21 18.94 25.45 -24.64
N TYR B 22 20.03 26.14 -24.32
CA TYR B 22 20.24 27.51 -24.80
C TYR B 22 21.54 27.57 -25.58
N GLY B 23 21.61 28.44 -26.59
CA GLY B 23 22.87 28.60 -27.29
C GLY B 23 22.86 29.58 -28.43
N TYR B 24 23.71 29.33 -29.42
CA TYR B 24 23.99 30.31 -30.45
C TYR B 24 23.89 29.76 -31.87
N HIS B 25 23.61 30.65 -32.80
CA HIS B 25 23.81 30.39 -34.23
C HIS B 25 24.70 31.47 -34.78
N HIS B 26 25.84 31.09 -35.34
CA HIS B 26 26.78 32.05 -35.90
C HIS B 26 26.85 31.90 -37.41
N GLU B 27 27.23 32.98 -38.08
CA GLU B 27 27.35 32.95 -39.52
C GLU B 27 28.47 33.88 -39.97
N ASN B 28 29.57 33.31 -40.46
CA ASN B 28 30.68 34.10 -40.99
C ASN B 28 31.28 33.46 -42.25
N SER B 29 32.49 33.88 -42.63
CA SER B 29 33.14 33.37 -43.84
C SER B 29 33.32 31.85 -43.82
N GLN B 30 33.60 31.30 -42.64
CA GLN B 30 33.79 29.85 -42.52
C GLN B 30 32.45 29.10 -42.54
N GLY B 31 31.35 29.84 -42.60
CA GLY B 31 30.04 29.21 -42.69
C GLY B 31 29.11 29.40 -41.48
N SER B 32 28.20 28.45 -41.29
CA SER B 32 27.14 28.50 -40.29
C SER B 32 27.18 27.32 -39.32
N GLY B 33 26.54 27.46 -38.17
CA GLY B 33 26.47 26.38 -37.20
C GLY B 33 25.75 26.71 -35.90
N TYR B 34 25.27 25.67 -35.23
CA TYR B 34 24.67 25.80 -33.91
C TYR B 34 25.64 25.37 -32.83
N ALA B 35 25.62 26.05 -31.70
CA ALA B 35 26.40 25.59 -30.55
C ALA B 35 25.69 25.93 -29.25
N ALA B 36 25.59 24.94 -28.36
CA ALA B 36 24.99 25.17 -27.06
C ALA B 36 25.93 26.01 -26.21
N ASP B 37 25.35 26.90 -25.41
CA ASP B 37 26.09 27.53 -24.33
C ASP B 37 26.06 26.55 -23.18
N ARG B 38 27.21 25.94 -22.88
CA ARG B 38 27.24 24.81 -21.95
C ARG B 38 27.16 25.25 -20.50
N GLU B 39 27.63 26.45 -20.21
CA GLU B 39 27.60 26.99 -18.86
C GLU B 39 26.16 27.24 -18.39
N SER B 40 25.36 27.92 -19.20
CA SER B 40 24.01 28.26 -18.77
C SER B 40 23.08 27.05 -18.90
N THR B 41 23.36 26.19 -19.87
CA THR B 41 22.61 24.96 -20.02
C THR B 41 22.84 24.03 -18.82
N GLN B 42 24.10 23.85 -18.42
CA GLN B 42 24.44 22.96 -17.33
C GLN B 42 23.92 23.49 -16.00
N LYS B 43 24.04 24.80 -15.81
CA LYS B 43 23.53 25.44 -14.62
C LYS B 43 22.01 25.21 -14.48
N ALA B 44 21.28 25.30 -15.60
CA ALA B 44 19.85 25.05 -15.60
C ALA B 44 19.53 23.59 -15.35
N ILE B 45 20.30 22.70 -15.95
CA ILE B 45 20.11 21.27 -15.74
C ILE B 45 20.29 20.93 -14.25
N ASP B 46 21.28 21.53 -13.60
CA ASP B 46 21.52 21.26 -12.18
C ASP B 46 20.38 21.78 -11.31
N GLY B 47 19.94 23.00 -11.55
CA GLY B 47 18.82 23.60 -10.83
C GLY B 47 17.53 22.82 -10.96
N ILE B 48 17.19 22.44 -12.19
CA ILE B 48 15.94 21.72 -12.43
C ILE B 48 16.00 20.29 -11.92
N THR B 49 17.17 19.66 -12.02
CA THR B 49 17.39 18.33 -11.45
C THR B 49 17.24 18.38 -9.93
N ASN B 50 17.76 19.46 -9.34
CA ASN B 50 17.63 19.66 -7.92
C ASN B 50 16.15 19.87 -7.53
N LYS B 51 15.41 20.57 -8.36
CA LYS B 51 14.00 20.85 -8.08
C LYS B 51 13.17 19.56 -8.15
N VAL B 52 13.38 18.78 -9.21
CA VAL B 52 12.72 17.48 -9.34
C VAL B 52 13.02 16.60 -8.13
N ASN B 53 14.29 16.46 -7.79
CA ASN B 53 14.70 15.62 -6.67
C ASN B 53 14.17 16.11 -5.32
N SER B 54 14.03 17.42 -5.15
CA SER B 54 13.53 17.96 -3.89
C SER B 54 12.05 17.65 -3.75
N ILE B 55 11.32 17.75 -4.85
CA ILE B 55 9.90 17.41 -4.87
C ILE B 55 9.72 15.92 -4.57
N ILE B 56 10.53 15.10 -5.22
CA ILE B 56 10.49 13.66 -5.00
C ILE B 56 10.80 13.29 -3.54
N ASN B 57 11.77 13.97 -2.94
CA ASN B 57 12.09 13.70 -1.54
C ASN B 57 11.02 14.17 -0.55
N LYS B 58 10.38 15.31 -0.80
CA LYS B 58 9.36 15.81 0.12
C LYS B 58 8.09 14.98 0.04
N MET B 59 7.93 14.28 -1.07
CA MET B 59 6.75 13.46 -1.30
C MET B 59 7.02 12.00 -0.96
N ASN B 60 8.11 11.74 -0.25
CA ASN B 60 8.54 10.36 0.01
C ASN B 60 8.06 9.83 1.36
N THR B 61 6.88 10.27 1.76
CA THR B 61 6.18 9.62 2.86
C THR B 61 4.88 9.09 2.28
N GLN B 62 4.23 8.17 2.96
CA GLN B 62 2.95 7.66 2.48
C GLN B 62 1.98 7.54 3.63
N PHE B 63 0.77 8.05 3.42
CA PHE B 63 -0.29 7.78 4.36
C PHE B 63 -0.77 6.34 4.11
N GLU B 64 -0.95 5.57 5.16
CA GLU B 64 -1.25 4.16 4.97
C GLU B 64 -2.68 3.84 5.41
N ALA B 65 -3.54 3.59 4.42
CA ALA B 65 -4.88 3.09 4.67
C ALA B 65 -4.81 1.63 5.16
N VAL B 66 -5.80 1.21 5.94
CA VAL B 66 -5.78 -0.17 6.47
C VAL B 66 -7.01 -0.99 6.13
N ASP B 67 -6.85 -2.30 6.27
CA ASP B 67 -7.87 -3.30 5.94
C ASP B 67 -8.90 -3.54 7.05
N HIS B 68 -8.79 -2.79 8.15
CA HIS B 68 -9.54 -3.12 9.36
C HIS B 68 -11.04 -3.10 9.15
N GLU B 69 -11.73 -4.05 9.77
CA GLU B 69 -13.17 -4.15 9.61
C GLU B 69 -13.90 -3.61 10.81
N PHE B 70 -15.19 -3.33 10.63
CA PHE B 70 -16.02 -2.77 11.67
C PHE B 70 -17.39 -3.43 11.63
N SER B 71 -17.88 -3.81 12.80
CA SER B 71 -19.17 -4.47 12.91
C SER B 71 -20.31 -3.48 12.67
N ASN B 72 -21.54 -3.99 12.61
CA ASN B 72 -22.71 -3.14 12.38
C ASN B 72 -22.98 -2.17 13.54
N LEU B 73 -22.32 -2.40 14.68
CA LEU B 73 -22.47 -1.53 15.85
C LEU B 73 -21.25 -0.62 16.03
N GLU B 74 -20.48 -0.50 14.96
CA GLU B 74 -19.32 0.38 14.91
C GLU B 74 -19.37 1.27 13.67
N ARG B 75 -20.58 1.71 13.34
CA ARG B 75 -20.80 2.61 12.21
C ARG B 75 -20.07 3.95 12.42
N ARG B 76 -20.04 4.43 13.66
CA ARG B 76 -19.40 5.71 13.96
C ARG B 76 -17.88 5.66 13.76
N ILE B 77 -17.19 4.68 14.35
CA ILE B 77 -15.73 4.61 14.18
C ILE B 77 -15.32 4.11 12.79
N GLY B 78 -16.16 3.30 12.14
CA GLY B 78 -15.91 2.90 10.77
C GLY B 78 -15.95 4.11 9.83
N ASN B 79 -16.90 5.01 10.07
CA ASN B 79 -17.07 6.19 9.25
C ASN B 79 -16.00 7.23 9.59
N LEU B 80 -15.57 7.24 10.85
CA LEU B 80 -14.46 8.06 11.26
C LEU B 80 -13.20 7.64 10.49
N ASN B 81 -12.97 6.33 10.38
CA ASN B 81 -11.84 5.83 9.61
C ASN B 81 -11.91 6.17 8.14
N LYS B 82 -13.10 6.03 7.55
CA LYS B 82 -13.27 6.36 6.14
C LYS B 82 -13.00 7.84 5.88
N ARG B 83 -13.62 8.71 6.69
CA ARG B 83 -13.50 10.15 6.48
C ARG B 83 -12.08 10.65 6.69
N MET B 84 -11.34 9.95 7.53
CA MET B 84 -9.95 10.33 7.77
C MET B 84 -9.06 9.91 6.62
N GLU B 85 -9.22 8.67 6.17
CA GLU B 85 -8.47 8.17 5.03
C GLU B 85 -8.74 9.01 3.79
N ASP B 86 -10.02 9.26 3.53
CA ASP B 86 -10.39 10.15 2.43
C ASP B 86 -9.86 11.57 2.66
N GLY B 87 -9.85 12.00 3.92
CA GLY B 87 -9.34 13.32 4.26
C GLY B 87 -7.90 13.50 3.80
N PHE B 88 -7.04 12.54 4.12
CA PHE B 88 -5.62 12.63 3.75
C PHE B 88 -5.41 12.45 2.26
N LEU B 89 -6.23 11.62 1.64
CA LEU B 89 -6.16 11.41 0.21
C LEU B 89 -6.43 12.73 -0.52
N ASP B 90 -7.37 13.51 -0.02
CA ASP B 90 -7.71 14.77 -0.65
C ASP B 90 -6.62 15.82 -0.43
N VAL B 91 -5.98 15.88 0.74
CA VAL B 91 -4.95 16.89 0.90
C VAL B 91 -3.72 16.53 0.06
N TRP B 92 -3.39 15.25 -0.06
CA TRP B 92 -2.20 14.90 -0.85
C TRP B 92 -2.44 15.03 -2.36
N THR B 93 -3.65 14.72 -2.82
CA THR B 93 -4.01 14.95 -4.21
C THR B 93 -3.94 16.45 -4.50
N TYR B 94 -4.47 17.26 -3.58
CA TYR B 94 -4.37 18.71 -3.69
C TYR B 94 -2.91 19.18 -3.73
N ASN B 95 -2.09 18.67 -2.80
CA ASN B 95 -0.70 19.10 -2.69
C ASN B 95 0.08 18.82 -3.96
N ALA B 96 -0.06 17.59 -4.45
CA ALA B 96 0.64 17.15 -5.65
C ALA B 96 0.19 17.91 -6.91
N GLU B 97 -1.12 18.03 -7.12
CA GLU B 97 -1.63 18.65 -8.35
C GLU B 97 -1.35 20.15 -8.38
N LEU B 98 -1.52 20.81 -7.25
CA LEU B 98 -1.22 22.23 -7.17
C LEU B 98 0.28 22.47 -7.35
N LEU B 99 1.10 21.65 -6.69
CA LEU B 99 2.55 21.84 -6.78
C LEU B 99 3.05 21.75 -8.22
N VAL B 100 2.54 20.75 -8.94
CA VAL B 100 2.95 20.54 -10.33
C VAL B 100 2.56 21.73 -11.23
N LEU B 101 1.36 22.28 -11.03
CA LEU B 101 0.91 23.41 -11.84
C LEU B 101 1.76 24.65 -11.54
N LEU B 102 2.10 24.82 -10.28
CA LEU B 102 2.91 25.96 -9.84
C LEU B 102 4.35 25.80 -10.33
N GLU B 103 4.92 24.62 -10.14
CA GLU B 103 6.30 24.40 -10.52
C GLU B 103 6.48 24.45 -12.03
N ASN B 104 5.48 24.00 -12.78
CA ASN B 104 5.57 24.04 -14.23
C ASN B 104 5.62 25.46 -14.74
N GLU B 105 4.80 26.32 -14.15
CA GLU B 105 4.78 27.71 -14.57
C GLU B 105 6.13 28.37 -14.30
N ARG B 106 6.71 28.09 -13.14
CA ARG B 106 7.94 28.74 -12.75
C ARG B 106 9.13 28.16 -13.51
N THR B 107 9.05 26.88 -13.87
CA THR B 107 10.09 26.26 -14.66
C THR B 107 10.19 26.90 -16.05
N LEU B 108 9.05 27.14 -16.68
CA LEU B 108 9.04 27.76 -18.00
C LEU B 108 9.59 29.18 -17.94
N ASP B 109 9.27 29.90 -16.86
CA ASP B 109 9.80 31.25 -16.61
C ASP B 109 11.30 31.23 -16.42
N LEU B 110 11.79 30.18 -15.77
CA LEU B 110 13.21 30.01 -15.54
C LEU B 110 13.97 29.94 -16.87
N HIS B 111 13.50 29.08 -17.77
CA HIS B 111 14.10 28.94 -19.09
C HIS B 111 14.02 30.25 -19.86
N ASP B 112 12.86 30.88 -19.79
CA ASP B 112 12.63 32.16 -20.41
C ASP B 112 13.62 33.22 -19.90
N ALA B 113 13.84 33.27 -18.58
CA ALA B 113 14.81 34.19 -18.01
C ALA B 113 16.22 33.90 -18.49
N ASN B 114 16.58 32.62 -18.56
CA ASN B 114 17.94 32.24 -18.95
C ASN B 114 18.28 32.61 -20.39
N VAL B 115 17.32 32.49 -21.29
CA VAL B 115 17.51 32.91 -22.67
C VAL B 115 17.68 34.43 -22.71
N LYS B 116 16.81 35.14 -21.99
CA LYS B 116 16.92 36.58 -21.87
C LYS B 116 18.30 37.01 -21.37
N ASN B 117 18.81 36.40 -20.31
CA ASN B 117 20.10 36.81 -19.75
C ASN B 117 21.24 36.49 -20.71
N LEU B 118 21.12 35.38 -21.41
CA LEU B 118 22.10 34.98 -22.40
C LEU B 118 22.17 36.04 -23.50
N TYR B 119 20.99 36.47 -23.96
CA TYR B 119 20.89 37.55 -24.92
C TYR B 119 21.52 38.85 -24.38
N GLU B 120 21.29 39.16 -23.12
CA GLU B 120 21.86 40.36 -22.50
C GLU B 120 23.39 40.30 -22.38
N LYS B 121 23.92 39.12 -22.06
CA LYS B 121 25.35 38.92 -21.94
C LYS B 121 26.07 39.24 -23.24
N VAL B 122 25.41 38.95 -24.35
CA VAL B 122 26.02 39.13 -25.67
C VAL B 122 25.90 40.59 -26.09
N LYS B 123 24.73 41.17 -25.89
CA LYS B 123 24.51 42.58 -26.22
C LYS B 123 25.46 43.47 -25.45
N SER B 124 25.73 43.09 -24.20
CA SER B 124 26.60 43.87 -23.34
C SER B 124 28.06 43.86 -23.81
N GLN B 125 28.50 42.75 -24.40
CA GLN B 125 29.85 42.63 -24.91
C GLN B 125 30.10 43.39 -26.19
N LEU B 126 29.10 43.39 -27.08
CA LEU B 126 29.30 43.86 -28.45
C LEU B 126 29.18 45.37 -28.55
N ARG B 127 28.17 45.92 -27.89
CA ARG B 127 27.95 47.37 -27.83
C ARG B 127 27.77 47.97 -29.21
N ASP B 128 28.63 48.93 -29.53
CA ASP B 128 28.67 49.63 -30.82
C ASP B 128 28.97 48.71 -31.99
N ASN B 129 29.78 47.69 -31.73
CA ASN B 129 30.39 46.89 -32.80
C ASN B 129 29.45 45.94 -33.52
N ALA B 130 28.20 45.86 -33.08
CA ALA B 130 27.21 45.05 -33.77
C ALA B 130 25.86 45.75 -33.80
N ASN B 131 25.03 45.37 -34.76
CA ASN B 131 23.67 45.88 -34.89
C ASN B 131 22.67 44.86 -34.33
N ASP B 132 21.93 45.25 -33.31
CA ASP B 132 20.90 44.39 -32.71
C ASP B 132 19.67 44.39 -33.61
N LEU B 133 19.37 43.26 -34.23
CA LEU B 133 18.25 43.17 -35.17
C LEU B 133 16.88 43.03 -34.51
N GLY B 134 16.83 42.87 -33.19
CA GLY B 134 15.56 42.81 -32.48
C GLY B 134 14.95 41.42 -32.30
N ASN B 135 15.64 40.41 -32.81
CA ASN B 135 15.14 39.04 -32.80
C ASN B 135 16.16 38.06 -32.19
N GLY B 136 17.11 38.58 -31.43
CA GLY B 136 18.16 37.77 -30.87
C GLY B 136 19.39 37.63 -31.76
N CYS B 137 19.41 38.35 -32.88
CA CYS B 137 20.57 38.30 -33.78
C CYS B 137 21.34 39.61 -33.78
N PHE B 138 22.65 39.52 -33.89
CA PHE B 138 23.50 40.70 -33.99
C PHE B 138 24.31 40.67 -35.28
N GLU B 139 24.23 41.73 -36.07
CA GLU B 139 25.06 41.86 -37.27
C GLU B 139 26.32 42.66 -36.95
N PHE B 140 27.48 42.02 -37.08
CA PHE B 140 28.75 42.69 -36.81
C PHE B 140 29.10 43.77 -37.84
N TRP B 141 29.70 44.85 -37.38
CA TRP B 141 30.18 45.89 -38.30
C TRP B 141 31.61 45.57 -38.77
N HIS B 142 32.19 44.55 -38.16
CA HIS B 142 33.53 44.10 -38.51
C HIS B 142 33.53 42.60 -38.80
N LYS B 143 34.56 42.12 -39.47
CA LYS B 143 34.69 40.69 -39.71
C LYS B 143 34.91 39.94 -38.40
N CYS B 144 34.13 38.88 -38.20
CA CYS B 144 34.23 38.08 -36.99
C CYS B 144 34.48 36.63 -37.35
N ASP B 145 35.75 36.21 -37.31
CA ASP B 145 36.09 34.83 -37.65
C ASP B 145 35.72 33.88 -36.49
N ASN B 146 36.23 32.66 -36.52
CA ASN B 146 35.83 31.64 -35.55
C ASN B 146 36.31 31.90 -34.12
N GLU B 147 37.49 32.48 -33.97
CA GLU B 147 37.99 32.81 -32.63
C GLU B 147 37.25 34.03 -32.08
N CYS B 148 36.88 34.95 -32.96
CA CYS B 148 36.04 36.07 -32.56
C CYS B 148 34.68 35.59 -32.06
N MET B 149 34.03 34.75 -32.86
CA MET B 149 32.79 34.10 -32.46
C MET B 149 32.92 33.41 -31.11
N GLU B 150 33.99 32.64 -30.94
CA GLU B 150 34.15 31.84 -29.72
C GLU B 150 34.41 32.73 -28.50
N SER B 151 34.98 33.92 -28.72
CA SER B 151 35.25 34.84 -27.61
C SER B 151 33.96 35.54 -27.18
N VAL B 152 33.00 35.66 -28.10
CA VAL B 152 31.68 36.17 -27.73
C VAL B 152 30.96 35.14 -26.86
N LYS B 153 31.02 33.87 -27.26
CA LYS B 153 30.37 32.79 -26.51
C LYS B 153 31.00 32.49 -25.16
N ASN B 154 32.32 32.66 -25.03
CA ASN B 154 32.95 32.35 -23.74
C ASN B 154 33.06 33.62 -22.90
N GLY B 155 32.46 34.69 -23.38
CA GLY B 155 32.36 35.94 -22.64
C GLY B 155 33.65 36.71 -22.47
N THR B 156 34.55 36.60 -23.44
CA THR B 156 35.80 37.35 -23.40
C THR B 156 36.01 38.18 -24.66
N TYR B 157 34.93 38.56 -25.33
CA TYR B 157 34.99 39.39 -26.53
C TYR B 157 35.80 40.66 -26.27
N ASP B 158 36.70 40.98 -27.19
CA ASP B 158 37.62 42.10 -27.01
C ASP B 158 37.20 43.30 -27.84
N TYR B 159 36.35 44.13 -27.25
CA TYR B 159 35.84 45.33 -27.92
C TYR B 159 36.90 46.27 -28.52
N PRO B 160 37.94 46.65 -27.74
CA PRO B 160 38.86 47.70 -28.25
C PRO B 160 39.60 47.33 -29.55
N LYS B 161 39.66 46.05 -29.89
CA LYS B 161 40.16 45.63 -31.20
C LYS B 161 39.18 46.02 -32.31
N TYR B 162 39.36 45.42 -33.48
CA TYR B 162 38.41 45.55 -34.59
C TYR B 162 38.18 47.01 -34.98
C1 NAG C . 37.79 32.51 -25.43
C2 NAG C . 39.01 31.89 -24.73
C3 NAG C . 40.30 32.51 -25.24
C4 NAG C . 40.37 32.43 -26.76
C5 NAG C . 39.11 33.02 -27.38
C6 NAG C . 39.06 32.86 -28.88
C7 NAG C . 38.38 31.08 -22.49
C8 NAG C . 38.35 31.40 -21.03
N2 NAG C . 38.90 32.03 -23.29
O3 NAG C . 41.41 31.84 -24.66
O4 NAG C . 41.51 33.16 -27.21
O5 NAG C . 37.94 32.37 -26.85
O6 NAG C . 38.94 31.50 -29.25
O7 NAG C . 37.94 30.03 -22.93
C1 NAG C . 42.46 32.36 -27.97
C2 NAG C . 43.16 33.28 -28.97
C3 NAG C . 44.18 32.49 -29.78
C4 NAG C . 45.13 31.72 -28.87
C5 NAG C . 44.34 30.88 -27.87
C6 NAG C . 45.21 30.19 -26.85
C7 NAG C . 42.07 35.26 -29.93
C8 NAG C . 42.98 36.07 -29.07
N2 NAG C . 42.19 33.93 -29.84
O3 NAG C . 44.92 33.38 -30.62
O4 NAG C . 45.96 30.87 -29.67
O5 NAG C . 43.43 31.72 -27.15
O6 NAG C . 44.45 29.73 -25.73
O7 NAG C . 41.25 35.78 -30.68
C1 BMA C . 47.37 31.10 -29.45
C2 BMA C . 48.01 29.74 -29.16
C3 BMA C . 49.52 29.82 -29.06
C4 BMA C . 50.07 30.47 -30.32
C5 BMA C . 49.42 31.84 -30.49
C6 BMA C . 49.98 32.54 -31.73
O2 BMA C . 47.64 28.82 -30.20
O3 BMA C . 50.06 28.50 -28.93
O4 BMA C . 51.48 30.60 -30.22
O5 BMA C . 48.00 31.74 -30.57
O6 BMA C . 49.62 33.92 -31.71
C1 NAG D . -5.95 19.43 -23.93
C2 NAG D . -5.82 18.57 -25.19
C3 NAG D . -6.82 17.43 -25.17
C4 NAG D . -6.67 16.62 -23.89
C5 NAG D . -6.81 17.55 -22.69
C6 NAG D . -6.59 16.84 -21.37
C7 NAG D . -4.95 19.74 -27.17
C8 NAG D . -5.31 20.57 -28.36
N2 NAG D . -5.98 19.37 -26.39
O3 NAG D . -6.61 16.59 -26.30
O4 NAG D . -7.68 15.62 -23.83
O5 NAG D . -5.84 18.59 -22.77
O6 NAG D . -5.79 17.62 -20.48
O7 NAG D . -3.80 19.42 -26.92
C1 NAG E . 4.31 -21.48 35.90
C2 NAG E . 5.80 -21.30 36.30
C3 NAG E . 5.97 -21.21 37.81
C4 NAG E . 5.07 -20.13 38.38
C5 NAG E . 3.63 -20.49 38.04
C6 NAG E . 2.64 -19.48 38.55
C7 NAG E . 7.59 -22.15 34.84
C8 NAG E . 8.34 -23.36 34.39
N2 NAG E . 6.63 -22.36 35.75
O3 NAG E . 7.33 -20.90 38.09
O4 NAG E . 5.24 -20.05 39.78
O5 NAG E . 3.49 -20.54 36.62
O6 NAG E . 1.42 -20.09 38.96
O7 NAG E . 7.84 -21.03 34.40
#